data_6B29
#
_entry.id   6B29
#
_cell.length_a   49.540
_cell.length_b   57.960
_cell.length_c   156.820
_cell.angle_alpha   90.000
_cell.angle_beta   90.000
_cell.angle_gamma   90.000
#
_symmetry.space_group_name_H-M   'C 2 2 21'
#
loop_
_entity.id
_entity.type
_entity.pdbx_description
1 polymer 'SH3 and cysteine-rich domain-containing protein 3'
2 water water
#
_entity_poly.entity_id   1
_entity_poly.type   'polypeptide(L)'
_entity_poly.pdbx_seq_one_letter_code
;SNARVHRVTRSFVGNREIGQITLKKDQIVVQKGDEAGGYVKVYTGRKVGLFPTDFLEEI
;
_entity_poly.pdbx_strand_id   A,B,C,D
#
# COMPACT_ATOMS: atom_id res chain seq x y z
N ALA A 3 -12.87 -8.38 13.33
CA ALA A 3 -11.74 -7.70 13.96
C ALA A 3 -12.16 -6.44 14.75
N ARG A 4 -11.79 -6.37 16.03
CA ARG A 4 -11.97 -5.13 16.80
C ARG A 4 -10.75 -4.24 16.67
N VAL A 5 -10.95 -3.06 16.13
CA VAL A 5 -9.85 -2.19 15.76
C VAL A 5 -10.01 -0.93 16.58
N HIS A 6 -8.90 -0.42 17.11
CA HIS A 6 -8.95 0.72 18.03
C HIS A 6 -7.93 1.77 17.63
N ARG A 7 -8.27 3.01 17.94
CA ARG A 7 -7.36 4.14 17.88
C ARG A 7 -6.85 4.45 19.28
N VAL A 8 -5.53 4.65 19.40
CA VAL A 8 -4.93 5.08 20.66
C VAL A 8 -5.27 6.55 20.89
N THR A 9 -5.86 6.86 22.05
CA THR A 9 -6.30 8.24 22.28
C THR A 9 -5.24 9.10 22.95
N ARG A 10 -4.30 8.49 23.65
CA ARG A 10 -3.29 9.19 24.42
C ARG A 10 -2.04 8.34 24.35
N SER A 11 -0.89 8.98 24.19
CA SER A 11 0.37 8.26 24.18
C SER A 11 0.63 7.64 25.54
N PHE A 12 1.28 6.49 25.54
CA PHE A 12 1.54 5.73 26.76
C PHE A 12 2.79 4.89 26.56
N VAL A 13 3.73 5.05 27.49
CA VAL A 13 4.94 4.24 27.53
C VAL A 13 4.67 2.98 28.35
N GLY A 14 4.88 1.80 27.76
CA GLY A 14 4.59 0.55 28.44
C GLY A 14 5.77 0.03 29.22
N ASN A 15 5.45 -0.68 30.29
CA ASN A 15 6.44 -1.40 31.09
C ASN A 15 6.60 -2.77 30.43
N ARG A 16 7.69 -2.94 29.67
CA ARG A 16 7.87 -4.17 28.92
C ARG A 16 8.09 -5.37 29.83
N GLU A 17 8.58 -5.16 31.05
CA GLU A 17 8.84 -6.27 31.96
C GLU A 17 7.57 -7.06 32.22
N ILE A 18 6.42 -6.40 32.20
CA ILE A 18 5.16 -7.02 32.52
C ILE A 18 4.27 -7.12 31.28
N GLY A 19 4.87 -6.99 30.11
CA GLY A 19 4.16 -7.28 28.89
C GLY A 19 3.39 -6.13 28.27
N GLN A 20 3.55 -4.91 28.80
CA GLN A 20 2.89 -3.74 28.20
C GLN A 20 3.70 -3.24 27.01
N ILE A 21 3.00 -2.55 26.11
CA ILE A 21 3.55 -1.99 24.89
C ILE A 21 3.41 -0.47 24.91
N THR A 22 4.39 0.21 24.35
CA THR A 22 4.31 1.65 24.10
C THR A 22 3.54 1.92 22.82
N LEU A 23 2.58 2.84 22.87
CA LEU A 23 1.91 3.27 21.65
C LEU A 23 1.79 4.78 21.67
N LYS A 24 1.67 5.35 20.46
CA LYS A 24 1.52 6.79 20.29
C LYS A 24 0.07 7.14 20.05
N LYS A 25 -0.31 8.35 20.46
CA LYS A 25 -1.63 8.88 20.14
C LYS A 25 -1.90 8.76 18.63
N ASP A 26 -3.09 8.26 18.29
CA ASP A 26 -3.60 8.08 16.92
C ASP A 26 -3.12 6.83 16.24
N GLN A 27 -2.24 6.08 16.88
CA GLN A 27 -1.86 4.80 16.30
C GLN A 27 -3.08 3.89 16.29
N ILE A 28 -3.16 3.03 15.29
CA ILE A 28 -4.25 2.06 15.13
C ILE A 28 -3.72 0.67 15.46
N VAL A 29 -4.48 -0.06 16.29
CA VAL A 29 -4.10 -1.42 16.70
C VAL A 29 -5.31 -2.32 16.63
N VAL A 30 -5.04 -3.62 16.64
CA VAL A 30 -6.09 -4.63 16.58
C VAL A 30 -6.14 -5.35 17.92
N GLN A 31 -7.34 -5.46 18.48
CA GLN A 31 -7.51 -6.16 19.75
C GLN A 31 -7.29 -7.65 19.59
N LYS A 32 -6.60 -8.24 20.57
CA LYS A 32 -6.42 -9.69 20.63
C LYS A 32 -7.01 -10.18 21.97
N GLY A 33 -8.14 -10.90 21.94
CA GLY A 33 -8.75 -11.36 23.19
C GLY A 33 -9.44 -10.27 24.02
N ASP A 34 -9.78 -10.63 25.26
CA ASP A 34 -10.64 -9.79 26.08
C ASP A 34 -9.84 -8.92 27.04
N GLU A 35 -10.47 -7.85 27.50
CA GLU A 35 -9.91 -6.98 28.52
C GLU A 35 -9.97 -7.67 29.87
N ALA A 36 -9.03 -7.30 30.74
CA ALA A 36 -9.03 -7.71 32.13
C ALA A 36 -8.17 -6.71 32.91
N GLY A 37 -8.66 -6.27 34.06
CA GLY A 37 -7.84 -5.45 34.92
C GLY A 37 -7.45 -4.09 34.34
N GLY A 38 -8.17 -3.59 33.34
CA GLY A 38 -7.87 -2.31 32.77
C GLY A 38 -6.93 -2.39 31.60
N TYR A 39 -6.56 -3.57 31.15
CA TYR A 39 -5.63 -3.72 30.03
C TYR A 39 -6.20 -4.71 29.05
N VAL A 40 -5.71 -4.60 27.83
CA VAL A 40 -6.07 -5.55 26.79
C VAL A 40 -4.88 -5.75 25.90
N LYS A 41 -4.74 -6.95 25.35
CA LYS A 41 -3.67 -7.26 24.41
C LYS A 41 -4.03 -6.69 23.04
N VAL A 42 -3.08 -6.03 22.40
CA VAL A 42 -3.29 -5.46 21.07
C VAL A 42 -2.11 -5.78 20.18
N TYR A 43 -2.36 -5.75 18.88
CA TYR A 43 -1.37 -6.01 17.84
C TYR A 43 -1.18 -4.76 16.98
N THR A 44 0.07 -4.36 16.77
CA THR A 44 0.36 -3.13 16.03
C THR A 44 0.61 -3.39 14.56
N GLY A 45 0.66 -4.65 14.12
CA GLY A 45 1.16 -4.99 12.81
C GLY A 45 2.60 -5.47 12.84
N ARG A 46 3.32 -5.22 13.94
CA ARG A 46 4.67 -5.69 14.13
C ARG A 46 4.88 -6.36 15.49
N LYS A 47 4.12 -5.97 16.52
CA LYS A 47 4.39 -6.36 17.90
C LYS A 47 3.05 -6.51 18.61
N VAL A 48 3.07 -7.28 19.68
CA VAL A 48 1.90 -7.50 20.52
CA VAL A 48 1.89 -7.46 20.52
C VAL A 48 2.23 -7.09 21.95
N GLY A 49 1.25 -6.54 22.65
CA GLY A 49 1.43 -6.35 24.08
C GLY A 49 0.19 -5.77 24.72
N LEU A 50 0.27 -5.57 26.04
CA LEU A 50 -0.85 -5.06 26.80
C LEU A 50 -0.90 -3.55 26.80
N PHE A 51 -2.12 -3.01 26.76
CA PHE A 51 -2.26 -1.57 26.69
C PHE A 51 -3.50 -1.17 27.49
N PRO A 52 -3.52 0.02 28.13
CA PRO A 52 -4.69 0.41 28.94
C PRO A 52 -5.92 0.62 28.08
N THR A 53 -7.04 0.00 28.48
CA THR A 53 -8.28 0.18 27.71
C THR A 53 -8.80 1.61 27.77
N ASP A 54 -8.46 2.36 28.82
CA ASP A 54 -8.93 3.75 28.87
C ASP A 54 -8.33 4.62 27.77
N PHE A 55 -7.22 4.18 27.18
CA PHE A 55 -6.55 4.94 26.13
C PHE A 55 -6.83 4.38 24.73
N LEU A 56 -7.94 3.66 24.56
CA LEU A 56 -8.35 3.10 23.29
C LEU A 56 -9.76 3.55 22.98
N GLU A 57 -10.01 3.86 21.72
CA GLU A 57 -11.36 4.13 21.23
C GLU A 57 -11.61 3.26 20.01
N GLU A 58 -12.70 2.53 20.02
CA GLU A 58 -12.95 1.59 18.93
C GLU A 58 -13.36 2.37 17.68
N ILE A 59 -12.84 1.93 16.53
CA ILE A 59 -13.20 2.55 15.24
C ILE A 59 -13.95 1.57 14.36
N SER B 1 -13.35 -13.74 -32.26
CA SER B 1 -12.22 -13.89 -31.33
C SER B 1 -11.64 -15.30 -31.37
N ASN B 2 -10.31 -15.41 -31.23
CA ASN B 2 -9.59 -16.66 -31.16
C ASN B 2 -8.88 -16.84 -29.84
N ALA B 3 -9.35 -16.14 -28.80
CA ALA B 3 -8.62 -15.95 -27.56
C ALA B 3 -9.08 -16.92 -26.49
N ARG B 4 -8.14 -17.58 -25.78
CA ARG B 4 -8.50 -18.27 -24.53
C ARG B 4 -8.56 -17.22 -23.43
N VAL B 5 -9.64 -17.22 -22.66
CA VAL B 5 -9.88 -16.20 -21.65
CA VAL B 5 -9.87 -16.21 -21.63
C VAL B 5 -10.14 -16.86 -20.30
N HIS B 6 -9.71 -16.18 -19.23
CA HIS B 6 -9.83 -16.70 -17.88
C HIS B 6 -10.25 -15.59 -16.95
N ARG B 7 -10.97 -15.97 -15.90
CA ARG B 7 -11.26 -15.08 -14.79
C ARG B 7 -10.28 -15.34 -13.66
N VAL B 8 -9.77 -14.26 -13.06
CA VAL B 8 -8.93 -14.36 -11.86
C VAL B 8 -9.82 -14.72 -10.68
N THR B 9 -9.46 -15.79 -9.97
CA THR B 9 -10.34 -16.29 -8.91
C THR B 9 -9.98 -15.74 -7.55
N ARG B 10 -8.81 -15.12 -7.42
CA ARG B 10 -8.41 -14.50 -6.16
C ARG B 10 -7.28 -13.54 -6.49
N SER B 11 -7.24 -12.45 -5.76
CA SER B 11 -6.21 -11.46 -5.97
C SER B 11 -4.86 -12.04 -5.59
N PHE B 12 -3.82 -11.69 -6.37
CA PHE B 12 -2.48 -12.20 -6.12
C PHE B 12 -1.48 -11.13 -6.51
N VAL B 13 -0.51 -10.88 -5.63
CA VAL B 13 0.55 -9.93 -5.87
C VAL B 13 1.73 -10.68 -6.41
N GLY B 14 2.12 -10.38 -7.62
CA GLY B 14 3.24 -11.07 -8.21
C GLY B 14 4.56 -10.34 -7.96
N ASN B 15 5.64 -11.08 -8.13
CA ASN B 15 6.99 -10.54 -8.02
C ASN B 15 7.36 -10.02 -9.40
N ARG B 16 7.29 -8.69 -9.58
CA ARG B 16 7.49 -8.15 -10.93
C ARG B 16 8.90 -8.39 -11.41
N GLU B 17 9.86 -8.55 -10.50
CA GLU B 17 11.23 -8.74 -10.95
C GLU B 17 11.41 -10.03 -11.72
N ILE B 18 10.60 -11.03 -11.41
CA ILE B 18 10.67 -12.29 -12.11
C ILE B 18 9.53 -12.44 -13.12
N GLY B 19 8.96 -11.33 -13.55
CA GLY B 19 8.03 -11.30 -14.66
C GLY B 19 6.59 -11.61 -14.30
N GLN B 20 6.25 -11.65 -13.03
CA GLN B 20 4.90 -11.93 -12.61
C GLN B 20 4.09 -10.64 -12.56
N ILE B 21 2.78 -10.79 -12.73
N ILE B 21 2.80 -10.76 -12.77
CA ILE B 21 1.82 -9.68 -12.79
CA ILE B 21 1.96 -9.58 -12.64
C ILE B 21 0.87 -9.77 -11.60
C ILE B 21 1.01 -9.75 -11.49
N THR B 22 0.53 -8.62 -11.02
CA THR B 22 -0.45 -8.53 -9.95
C THR B 22 -1.82 -8.37 -10.59
N LEU B 23 -2.76 -9.23 -10.20
CA LEU B 23 -4.16 -9.14 -10.67
C LEU B 23 -5.13 -9.19 -9.50
N LYS B 24 -6.33 -8.70 -9.76
CA LYS B 24 -7.37 -8.63 -8.77
C LYS B 24 -8.46 -9.65 -9.07
N LYS B 25 -9.04 -10.19 -8.01
CA LYS B 25 -10.16 -11.11 -8.17
C LYS B 25 -11.21 -10.55 -9.13
N ASP B 26 -11.68 -11.40 -10.04
CA ASP B 26 -12.74 -11.13 -11.01
C ASP B 26 -12.26 -10.43 -12.29
N GLN B 27 -10.99 -10.03 -12.40
CA GLN B 27 -10.50 -9.52 -13.67
C GLN B 27 -10.51 -10.63 -14.71
N ILE B 28 -10.77 -10.25 -15.94
CA ILE B 28 -10.69 -11.16 -17.06
C ILE B 28 -9.39 -10.89 -17.81
N VAL B 29 -8.69 -11.95 -18.16
CA VAL B 29 -7.42 -11.85 -18.86
C VAL B 29 -7.38 -12.86 -20.03
N VAL B 30 -6.57 -12.55 -21.03
CA VAL B 30 -6.42 -13.41 -22.19
C VAL B 30 -5.10 -14.16 -22.07
N GLN B 31 -5.13 -15.48 -22.28
CA GLN B 31 -3.92 -16.30 -22.22
C GLN B 31 -3.05 -16.04 -23.45
N LYS B 32 -1.74 -15.80 -23.25
CA LYS B 32 -0.85 -15.46 -24.33
C LYS B 32 0.31 -16.40 -24.53
N GLY B 33 0.45 -17.38 -23.66
CA GLY B 33 1.47 -18.39 -23.85
C GLY B 33 0.96 -19.71 -23.30
N ASP B 34 1.74 -20.77 -23.50
CA ASP B 34 1.42 -22.06 -22.91
C ASP B 34 1.77 -22.06 -21.43
N GLU B 35 0.95 -22.77 -20.62
CA GLU B 35 1.28 -22.95 -19.21
C GLU B 35 2.66 -23.59 -19.06
N ALA B 36 3.40 -23.19 -18.03
CA ALA B 36 4.66 -23.87 -17.68
C ALA B 36 4.93 -23.63 -16.20
N GLY B 37 5.18 -24.70 -15.47
CA GLY B 37 5.60 -24.56 -14.09
C GLY B 37 4.57 -23.92 -13.18
N GLY B 38 3.30 -24.04 -13.49
CA GLY B 38 2.28 -23.45 -12.65
C GLY B 38 1.91 -22.03 -12.96
N TYR B 39 2.56 -21.42 -13.96
CA TYR B 39 2.22 -20.07 -14.38
C TYR B 39 1.88 -20.02 -15.86
N VAL B 40 1.11 -19.01 -16.24
CA VAL B 40 0.84 -18.73 -17.64
C VAL B 40 0.95 -17.24 -17.89
N LYS B 41 1.38 -16.91 -19.09
CA LYS B 41 1.43 -15.52 -19.53
C LYS B 41 0.03 -15.07 -19.89
N VAL B 42 -0.34 -13.93 -19.34
CA VAL B 42 -1.68 -13.40 -19.57
C VAL B 42 -1.60 -11.91 -19.90
N TYR B 43 -2.69 -11.41 -20.53
CA TYR B 43 -2.80 -10.04 -20.99
C TYR B 43 -4.06 -9.46 -20.40
N THR B 44 -3.96 -8.25 -19.81
CA THR B 44 -5.11 -7.64 -19.14
C THR B 44 -5.87 -6.66 -20.02
N GLY B 45 -5.36 -6.35 -21.20
CA GLY B 45 -5.78 -5.19 -21.98
C GLY B 45 -4.80 -4.03 -21.89
N ARG B 46 -3.94 -4.01 -20.87
CA ARG B 46 -2.94 -2.98 -20.70
C ARG B 46 -1.56 -3.53 -20.43
N LYS B 47 -1.46 -4.68 -19.76
CA LYS B 47 -0.18 -5.24 -19.34
C LYS B 47 -0.17 -6.73 -19.58
N VAL B 48 1.04 -7.29 -19.61
CA VAL B 48 1.21 -8.73 -19.78
CA VAL B 48 1.26 -8.72 -19.83
C VAL B 48 2.21 -9.21 -18.76
N GLY B 49 1.99 -10.43 -18.27
CA GLY B 49 2.96 -11.05 -17.36
C GLY B 49 2.49 -12.43 -16.95
N LEU B 50 3.30 -13.07 -16.11
CA LEU B 50 3.01 -14.42 -15.64
C LEU B 50 2.11 -14.41 -14.42
N PHE B 51 1.15 -15.33 -14.38
CA PHE B 51 0.17 -15.42 -13.30
C PHE B 51 -0.06 -16.89 -12.95
N PRO B 52 -0.34 -17.21 -11.69
CA PRO B 52 -0.53 -18.63 -11.31
C PRO B 52 -1.79 -19.23 -11.93
N THR B 53 -1.65 -20.40 -12.55
N THR B 53 -1.63 -20.40 -12.54
CA THR B 53 -2.85 -21.06 -13.08
CA THR B 53 -2.78 -21.11 -13.09
C THR B 53 -3.82 -21.46 -11.98
C THR B 53 -3.78 -21.52 -12.02
N ASP B 54 -3.34 -21.72 -10.77
CA ASP B 54 -4.28 -22.12 -9.74
C ASP B 54 -5.20 -21.00 -9.34
N PHE B 55 -4.92 -19.77 -9.78
CA PHE B 55 -5.79 -18.63 -9.43
C PHE B 55 -6.56 -18.12 -10.64
N LEU B 56 -6.76 -19.00 -11.62
CA LEU B 56 -7.51 -18.69 -12.83
C LEU B 56 -8.60 -19.75 -13.02
N GLU B 57 -9.73 -19.34 -13.62
CA GLU B 57 -10.75 -20.28 -14.10
C GLU B 57 -11.09 -19.90 -15.55
N GLU B 58 -11.11 -20.88 -16.42
CA GLU B 58 -11.34 -20.59 -17.84
C GLU B 58 -12.80 -20.20 -18.09
N ILE B 59 -13.01 -19.22 -18.97
CA ILE B 59 -14.36 -18.80 -19.39
C ILE B 59 -14.67 -19.40 -20.74
N ALA C 3 -13.80 -6.38 9.09
CA ALA C 3 -12.94 -5.28 8.64
C ALA C 3 -11.63 -5.79 8.02
N ARG C 4 -11.18 -5.15 6.94
CA ARG C 4 -9.88 -5.47 6.35
C ARG C 4 -8.86 -4.42 6.74
N VAL C 5 -7.83 -4.88 7.41
CA VAL C 5 -6.87 -4.02 8.09
C VAL C 5 -5.52 -4.17 7.41
N HIS C 6 -4.89 -3.04 7.07
CA HIS C 6 -3.67 -3.07 6.28
C HIS C 6 -2.56 -2.28 6.95
N ARG C 7 -1.33 -2.71 6.70
CA ARG C 7 -0.13 -1.98 7.09
C ARG C 7 0.45 -1.32 5.85
N VAL C 8 0.82 -0.04 6.00
CA VAL C 8 1.48 0.71 4.92
C VAL C 8 2.91 0.22 4.75
N THR C 9 3.30 -0.14 3.53
CA THR C 9 4.62 -0.72 3.32
C THR C 9 5.64 0.28 2.84
N ARG C 10 5.19 1.48 2.46
CA ARG C 10 6.08 2.54 2.00
C ARG C 10 5.38 3.87 2.21
N SER C 11 6.08 4.84 2.76
CA SER C 11 5.49 6.17 2.95
C SER C 11 5.16 6.82 1.62
N PHE C 12 4.00 7.47 1.57
CA PHE C 12 3.52 8.08 0.33
C PHE C 12 2.80 9.35 0.69
N VAL C 13 3.15 10.40 -0.06
CA VAL C 13 2.54 11.72 0.06
C VAL C 13 1.35 11.77 -0.88
N GLY C 14 0.14 11.90 -0.35
CA GLY C 14 -1.05 11.92 -1.17
C GLY C 14 -1.36 13.32 -1.68
N ASN C 15 -1.95 13.37 -2.87
CA ASN C 15 -2.53 14.63 -3.38
C ASN C 15 -3.92 14.73 -2.78
N ARG C 16 -4.00 15.52 -1.70
CA ARG C 16 -5.25 15.63 -0.97
C ARG C 16 -6.33 16.28 -1.83
N GLU C 17 -5.93 17.07 -2.83
CA GLU C 17 -6.88 17.78 -3.65
C GLU C 17 -7.75 16.83 -4.47
N ILE C 18 -7.20 15.68 -4.86
CA ILE C 18 -7.90 14.64 -5.62
C ILE C 18 -8.36 13.50 -4.71
N GLY C 19 -8.32 13.70 -3.42
CA GLY C 19 -8.89 12.75 -2.48
C GLY C 19 -7.93 11.67 -2.02
N GLN C 20 -6.63 11.81 -2.24
CA GLN C 20 -5.67 10.87 -1.70
C GLN C 20 -5.30 11.28 -0.28
N ILE C 21 -4.62 10.37 0.43
CA ILE C 21 -4.17 10.64 1.80
C ILE C 21 -2.69 10.27 1.93
N THR C 22 -1.97 11.03 2.74
CA THR C 22 -0.58 10.71 3.11
C THR C 22 -0.56 9.73 4.26
N LEU C 23 0.26 8.68 4.11
CA LEU C 23 0.42 7.73 5.21
C LEU C 23 1.90 7.40 5.30
N LYS C 24 2.30 6.98 6.50
CA LYS C 24 3.69 6.63 6.75
CA LYS C 24 3.69 6.62 6.80
C LYS C 24 3.85 5.12 6.81
N LYS C 25 5.03 4.66 6.38
CA LYS C 25 5.40 3.26 6.54
C LYS C 25 5.05 2.76 7.94
N ASP C 26 4.41 1.61 8.00
CA ASP C 26 3.99 0.89 9.24
C ASP C 26 2.74 1.48 9.86
N GLN C 27 2.16 2.53 9.30
CA GLN C 27 0.85 2.98 9.79
C GLN C 27 -0.19 1.90 9.47
N ILE C 28 -1.18 1.75 10.35
CA ILE C 28 -2.27 0.81 10.15
C ILE C 28 -3.53 1.56 9.77
N VAL C 29 -4.24 1.06 8.74
CA VAL C 29 -5.48 1.65 8.28
C VAL C 29 -6.50 0.56 7.99
N VAL C 30 -7.75 0.99 7.88
CA VAL C 30 -8.87 0.08 7.60
C VAL C 30 -9.39 0.36 6.20
N GLN C 31 -9.51 -0.69 5.39
CA GLN C 31 -10.01 -0.50 4.05
C GLN C 31 -11.50 -0.16 4.08
N LYS C 32 -11.92 0.76 3.20
CA LYS C 32 -13.33 1.09 3.03
C LYS C 32 -13.65 0.92 1.55
N GLY C 33 -14.51 -0.02 1.23
CA GLY C 33 -14.91 -0.19 -0.16
C GLY C 33 -13.89 -0.95 -0.99
N ASP C 34 -14.09 -0.87 -2.31
CA ASP C 34 -13.39 -1.71 -3.27
C ASP C 34 -12.22 -0.98 -3.89
N GLU C 35 -11.21 -1.74 -4.32
CA GLU C 35 -10.11 -1.14 -5.05
C GLU C 35 -10.53 -0.80 -6.46
N ALA C 36 -9.94 0.26 -7.00
CA ALA C 36 -10.14 0.59 -8.40
C ALA C 36 -8.94 1.38 -8.89
N GLY C 37 -8.45 1.02 -10.08
CA GLY C 37 -7.32 1.73 -10.68
C GLY C 37 -6.04 1.76 -9.86
N GLY C 38 -5.83 0.75 -9.00
CA GLY C 38 -4.62 0.70 -8.20
C GLY C 38 -4.69 1.46 -6.90
N TYR C 39 -5.86 2.00 -6.56
CA TYR C 39 -6.05 2.72 -5.31
C TYR C 39 -7.23 2.15 -4.56
N VAL C 40 -7.24 2.36 -3.25
CA VAL C 40 -8.40 1.97 -2.44
C VAL C 40 -8.58 3.03 -1.38
N LYS C 41 -9.83 3.26 -0.98
CA LYS C 41 -10.06 4.15 0.14
C LYS C 41 -9.70 3.45 1.44
N VAL C 42 -9.00 4.18 2.31
CA VAL C 42 -8.63 3.69 3.64
C VAL C 42 -8.99 4.73 4.67
N TYR C 43 -9.24 4.25 5.88
CA TYR C 43 -9.64 5.06 7.03
C TYR C 43 -8.52 4.96 8.05
N THR C 44 -8.08 6.12 8.50
CA THR C 44 -7.00 6.18 9.46
C THR C 44 -7.49 6.11 10.89
N GLY C 45 -8.81 6.11 11.12
CA GLY C 45 -9.43 6.35 12.40
C GLY C 45 -9.89 7.76 12.58
N ARG C 46 -9.41 8.65 11.73
CA ARG C 46 -9.89 10.03 11.73
C ARG C 46 -10.41 10.46 10.36
N LYS C 47 -9.77 10.02 9.28
CA LYS C 47 -10.06 10.54 7.96
C LYS C 47 -9.92 9.41 6.97
N VAL C 48 -10.59 9.58 5.84
CA VAL C 48 -10.52 8.64 4.73
C VAL C 48 -9.80 9.29 3.54
N GLY C 49 -9.04 8.50 2.80
CA GLY C 49 -8.60 8.97 1.50
C GLY C 49 -8.15 7.80 0.66
N LEU C 50 -7.93 8.09 -0.63
CA LEU C 50 -7.38 7.08 -1.55
C LEU C 50 -5.90 6.83 -1.32
N PHE C 51 -5.49 5.57 -1.44
CA PHE C 51 -4.10 5.21 -1.20
C PHE C 51 -3.68 4.06 -2.12
N PRO C 52 -2.43 4.02 -2.57
CA PRO C 52 -2.04 2.98 -3.55
C PRO C 52 -2.08 1.60 -2.93
N THR C 53 -2.71 0.65 -3.63
CA THR C 53 -2.76 -0.71 -3.11
C THR C 53 -1.38 -1.36 -3.12
N ASP C 54 -0.49 -0.91 -4.02
CA ASP C 54 0.88 -1.42 -4.02
C ASP C 54 1.61 -1.13 -2.72
N PHE C 55 1.14 -0.17 -1.93
CA PHE C 55 1.82 0.20 -0.69
C PHE C 55 1.06 -0.26 0.55
N LEU C 56 0.22 -1.28 0.41
CA LEU C 56 -0.53 -1.84 1.54
C LEU C 56 -0.28 -3.33 1.58
N GLU C 57 -0.24 -3.88 2.79
CA GLU C 57 -0.21 -5.32 3.00
C GLU C 57 -1.21 -5.63 4.12
N GLU C 58 -2.08 -6.61 3.88
CA GLU C 58 -3.11 -6.96 4.84
C GLU C 58 -2.48 -7.66 6.03
N ILE C 59 -2.90 -7.25 7.22
CA ILE C 59 -2.46 -7.95 8.44
C ILE C 59 -3.54 -8.83 9.06
N ALA D 3 12.91 0.14 -13.77
CA ALA D 3 12.48 1.46 -13.34
C ALA D 3 13.54 2.48 -13.73
N ARG D 4 13.09 3.67 -14.08
CA ARG D 4 13.94 4.78 -14.46
C ARG D 4 14.54 5.42 -13.22
N VAL D 5 15.82 5.74 -13.29
CA VAL D 5 16.56 6.39 -12.21
C VAL D 5 16.89 7.80 -12.65
N HIS D 6 16.69 8.77 -11.78
CA HIS D 6 16.86 10.16 -12.16
C HIS D 6 17.76 10.86 -11.16
N ARG D 7 18.43 11.87 -11.67
CA ARG D 7 19.10 12.85 -10.83
C ARG D 7 18.34 14.16 -10.89
N VAL D 8 18.21 14.84 -9.76
CA VAL D 8 17.52 16.13 -9.69
C VAL D 8 18.42 17.20 -10.26
N THR D 9 17.89 17.98 -11.20
CA THR D 9 18.67 19.02 -11.88
C THR D 9 18.38 20.40 -11.32
N ARG D 10 17.31 20.57 -10.55
CA ARG D 10 16.98 21.84 -9.93
C ARG D 10 16.28 21.57 -8.61
N SER D 11 16.71 22.22 -7.53
CA SER D 11 16.03 22.05 -6.25
C SER D 11 14.60 22.57 -6.36
N PHE D 12 13.67 21.89 -5.70
CA PHE D 12 12.25 22.23 -5.79
C PHE D 12 11.62 21.81 -4.46
N VAL D 13 10.92 22.73 -3.82
CA VAL D 13 10.10 22.43 -2.63
C VAL D 13 8.69 22.19 -3.13
N GLY D 14 8.22 20.99 -3.04
CA GLY D 14 6.90 20.72 -3.48
C GLY D 14 5.88 21.06 -2.44
N ASN D 15 4.67 21.22 -2.90
CA ASN D 15 3.54 21.42 -2.00
C ASN D 15 3.05 20.05 -1.55
N ARG D 16 3.32 19.72 -0.27
CA ARG D 16 2.96 18.40 0.26
C ARG D 16 1.45 18.16 0.24
N GLU D 17 0.66 19.23 0.27
CA GLU D 17 -0.79 19.04 0.31
C GLU D 17 -1.35 18.53 -1.02
N ILE D 18 -0.63 18.75 -2.13
CA ILE D 18 -1.05 18.26 -3.44
C ILE D 18 -0.13 17.11 -3.89
N GLY D 19 0.50 16.43 -2.96
CA GLY D 19 1.16 15.21 -3.27
C GLY D 19 2.59 15.34 -3.73
N GLN D 20 3.19 16.52 -3.61
CA GLN D 20 4.53 16.76 -4.13
C GLN D 20 5.55 16.64 -3.00
N ILE D 21 6.79 16.37 -3.39
CA ILE D 21 7.88 16.24 -2.44
C ILE D 21 8.94 17.28 -2.75
N THR D 22 9.83 17.43 -1.79
CA THR D 22 10.94 18.34 -1.89
C THR D 22 12.21 17.57 -2.16
N LEU D 23 12.98 18.03 -3.13
CA LEU D 23 14.28 17.45 -3.43
C LEU D 23 15.27 18.54 -3.72
N LYS D 24 16.53 18.22 -3.48
CA LYS D 24 17.62 19.12 -3.74
C LYS D 24 18.37 18.70 -4.99
N LYS D 25 18.93 19.69 -5.67
CA LYS D 25 19.77 19.40 -6.81
C LYS D 25 20.80 18.33 -6.47
N ASP D 26 20.96 17.37 -7.38
CA ASP D 26 21.92 16.27 -7.38
C ASP D 26 21.43 15.03 -6.64
N GLN D 27 20.29 15.09 -5.92
CA GLN D 27 19.75 13.87 -5.32
C GLN D 27 19.33 12.87 -6.40
N ILE D 28 19.44 11.58 -6.08
CA ILE D 28 19.02 10.50 -6.96
C ILE D 28 17.72 9.92 -6.43
N VAL D 29 16.76 9.69 -7.34
CA VAL D 29 15.47 9.10 -7.01
C VAL D 29 15.11 8.05 -8.06
N VAL D 30 14.13 7.22 -7.73
CA VAL D 30 13.70 6.15 -8.60
C VAL D 30 12.22 6.33 -8.93
N GLN D 31 11.91 6.35 -10.23
CA GLN D 31 10.52 6.56 -10.65
C GLN D 31 9.64 5.37 -10.35
N LYS D 32 8.43 5.67 -9.93
CA LYS D 32 7.37 4.68 -9.74
C LYS D 32 6.25 4.98 -10.73
N GLY D 33 5.96 4.03 -11.62
CA GLY D 33 4.87 4.21 -12.54
C GLY D 33 5.20 5.18 -13.65
N ASP D 34 4.13 5.74 -14.22
CA ASP D 34 4.20 6.53 -15.45
C ASP D 34 4.13 8.02 -15.14
N GLU D 35 4.78 8.81 -16.01
CA GLU D 35 4.60 10.26 -15.97
C GLU D 35 3.12 10.60 -16.24
N ALA D 36 2.65 11.70 -15.64
CA ALA D 36 1.30 12.22 -15.92
C ALA D 36 1.30 13.73 -15.65
N GLY D 37 0.83 14.51 -16.62
CA GLY D 37 0.71 15.96 -16.43
C GLY D 37 2.01 16.67 -16.13
N GLY D 38 3.16 16.15 -16.60
CA GLY D 38 4.46 16.77 -16.38
C GLY D 38 5.08 16.44 -15.03
N TYR D 39 4.51 15.49 -14.30
CA TYR D 39 5.04 15.06 -13.00
C TYR D 39 5.24 13.55 -13.05
N VAL D 40 6.16 13.06 -12.22
CA VAL D 40 6.33 11.63 -12.01
C VAL D 40 6.34 11.41 -10.50
N LYS D 41 5.86 10.23 -10.10
CA LYS D 41 6.06 9.78 -8.74
C LYS D 41 7.45 9.20 -8.64
N VAL D 42 8.19 9.56 -7.59
CA VAL D 42 9.54 9.06 -7.37
C VAL D 42 9.68 8.63 -5.92
N TYR D 43 10.53 7.62 -5.73
CA TYR D 43 10.93 7.12 -4.42
C TYR D 43 12.26 7.78 -4.07
N THR D 44 12.35 8.34 -2.88
CA THR D 44 13.54 9.09 -2.45
C THR D 44 14.46 8.28 -1.57
N GLY D 45 14.04 7.09 -1.15
CA GLY D 45 14.68 6.35 -0.08
C GLY D 45 13.90 6.45 1.21
N ARG D 46 13.08 7.49 1.36
CA ARG D 46 12.25 7.67 2.53
C ARG D 46 10.78 7.64 2.20
N LYS D 47 10.37 8.14 1.01
CA LYS D 47 8.94 8.24 0.71
C LYS D 47 8.79 8.32 -0.82
N VAL D 48 7.54 8.25 -1.26
CA VAL D 48 7.15 8.42 -2.65
C VAL D 48 6.24 9.64 -2.76
N GLY D 49 6.50 10.48 -3.76
CA GLY D 49 5.59 11.60 -4.06
C GLY D 49 5.94 12.16 -5.42
N LEU D 50 5.20 13.19 -5.81
CA LEU D 50 5.30 13.78 -7.14
C LEU D 50 6.41 14.80 -7.25
N PHE D 51 7.01 14.85 -8.43
CA PHE D 51 8.07 15.80 -8.71
C PHE D 51 8.04 16.15 -10.18
N PRO D 52 8.32 17.39 -10.55
CA PRO D 52 8.22 17.77 -11.96
C PRO D 52 9.30 17.10 -12.80
N THR D 53 8.90 16.51 -13.93
CA THR D 53 9.89 15.89 -14.80
C THR D 53 10.95 16.89 -15.30
N ASP D 54 10.58 18.16 -15.46
CA ASP D 54 11.51 19.16 -15.95
C ASP D 54 12.67 19.37 -15.03
N PHE D 55 12.57 18.93 -13.77
CA PHE D 55 13.62 19.11 -12.80
C PHE D 55 14.40 17.82 -12.56
N LEU D 56 14.28 16.86 -13.49
CA LEU D 56 14.98 15.58 -13.37
C LEU D 56 15.70 15.33 -14.68
N GLU D 57 16.74 14.51 -14.61
CA GLU D 57 17.37 13.97 -15.80
C GLU D 57 17.56 12.48 -15.55
N GLU D 58 17.28 11.66 -16.54
CA GLU D 58 17.47 10.23 -16.37
C GLU D 58 18.95 9.87 -16.44
N ILE D 59 19.41 9.03 -15.51
CA ILE D 59 20.80 8.62 -15.49
C ILE D 59 20.81 7.10 -15.54
#